data_6X0V
#
_entry.id   6X0V
#
loop_
_entity.id
_entity.type
_entity.pdbx_description
1 polymer 'Mitotic-spindle organizing protein 2A'
2 polymer 'Gamma-tubulin complex component 2'
3 polymer 'Centrosome protein Cep215'
#
loop_
_entity_poly.entity_id
_entity_poly.type
_entity_poly.pdbx_seq_one_letter_code
_entity_poly.pdbx_strand_id
1 'polypeptide(L)'
;MAAQGVGPGPGSAAPPGLEAARQKLALRRKKVLSTEEMELYELAQAAGGGIDPDVFKILVDLLKLNVAPLAVFQMLKSMC
AGQRLASEPQDPAAVSLPTSSVPETRGRDKGSAALGGVLALAERSNHEGSSQRMPRQPSATRLPKGGGPGKSPTQGST
;
E
2 'polypeptide(L)'
;MSEFRIHHDVNELLSLLRVHGGDGAEVYIDLLQKNRTPYVTTTVSAHSAKVKIAEFSRTPEDFLKKYDELKSKNTRNLDP
LVYLLSKLTEDKETLQYLQQNAKERAELAAAAVGSSTTSINVPAAASKISMQELEELRKQLGSVATGSTLQQSLELKRKM
LRDKQNKKNSGQHLPIFPAWVYERPALIGDFLIGAGISTDTALPIVLLRWNLALSPRLKCSGVISAHCNLHLPGTLPLAS
QESAVVEDLLYVLVGVDGRYVSAQPLAGRQSRTFLVDPNLDLSIRELVHRILPVAASYSAVTRFIEEKSSFEYGQVNHAL
AAAMRTLVKEHLILVSQLEQLHRQGLLSLQKLWFYIQPAMRTMDILASLATSVDKGECLGGSTLSLLHDRSFSYTGDSQA
QELCLYLTKAASAPYFEVLEKWIYRGIIHDPYSEFMVEEHELRKERIQEDYNDKYWDQRYTIVQQQIPSFLQKMADKILS
TGKYLNVVRECGHDVTCPVAKEIIYTLKERAYVEQIEKAFNYASKVLLDFLMEEKELVAHLRSIKRYFLMDQGDFFVHFM
DLAEEELRKPVEDITPPRLEALLELALRMSTANTDPFKDDLKIDLMPHDLITQLLRVLAIETKQEKAMAHADPTELALSG
LEAFSFDYIVKWPLSLIINRKALTRYQMLFRHMFYCKHVERQLCSVWISNKTAKQHSLHSAQWFAGAFTLRQRMLNFVQN
IQYYMMFEVMEPTWHILEKNLKSASNIDDVLGHHTGFLDTCLKDCMLTNPELLKVFSKLMSVCVMFTNCMQKFTQSMKLD
GELGGQTLEHSTVLGLPAGAEERARKELARKHLAEHADTVQLVSGFEATINKFDKNFSAHLLDLLARLSIYSTSDCEHGM
ASVISRLDFNGFYTERLERLSAERSQKATPQVPVLRGPPAPAPRVAVTAQ
;
F
3 'polypeptide(L)'
;MMDLVLEEDVTVPGTLSGCSGLVPSVPDDLDGINPNAGLGNGLLPNVSEETVSPTRARNMKDFENQITELKKENFNLKLR
IYFLEERMQQEFHGPTEHIYKTNIELKVEVESLKRELQEREQLLIKASKAVESLAEAGGSEIQRVKEDARKKVQQVEDLL
TKRILLLEKDVTAAQAELEKAFAGTETEKALRLRLESKLSEMKKMHEGDLAMALVLDEKDRLIEELKLSLKSKEALIQCL
KEEKSQMACPDENVSSGELRGLCAAPREEKERETEAAQMEHQKERNSFQERIQALEEDLREKEREIATEKKNSLKRDKAI
QGLTMALKSKEKKVEELNSEIEKLSAAFAKAREALQKAQTQEFQGSEDYETALSGKEALSAALRSQNLTKSTENHRLRRS
IKKITQELSDLQQERERLEKDLEEAHREKSKGDCTIRDLRNEVEKLRNEVNEREKAMENRYKSLLSESNKKLHNQEQVIK
HLTESTNQKDVLLQKFNEKDLEVIQQNCYLMAAEDLELRSEGLITEKCSSQQPPGSKTIFSKEKKQSSDYEELIQVLKKE
QDIYTHLVKSLQESDSINNLQAELNKIFALRKQLEQDVLSYQNLRKTLEEQISEIRRREEESFSLYSDQTFYLSICLEEN
NRFQVEHFSQEELKKKVSDLIQLVKELYTDNQHLKKTIFDLSCMGFQGNGFPDRLASTEQTELLASKEDEDTIKIGEDDE
INFLSDQHLQQSNEIMKDLSKGGCKNGYLRHTESKISDCDGAHAPGCLEEGAFINLLAPLFNEKATLLLESRPDLLKVVR
ELLLGQLFLTEQEVSGEHLDGKTEKTPKQKGELVHFVQTNSFSKPHDELKLSCEAQLVKAGEVPKVGLKDASVQTVATEG
DLLRFKHEATREAWEEKPINTALSAEHRPENLHGVPGWQAALLSLPGITNREAKKSRLPILIKPSRSLGNMYRLPATQEV
VTQLQSQILELQGELKEFKTCNKQLHQKLILAEAVMEGRPTPDKTLLNAQPPVGAAYQDSPGEQKGIKTTSSVWRDKEMD
SDQQRSYEIDSEICPPDDLASLPSCKENPEDVLSPTSVATYLSSKSQPSAKVSVMGTDQSESINTSNETEYLKQKIHDLE
TELEGYQNFIFQLQKHSQCSEAIITVLCGTEGAQDGLSKPKNGSDGEEMTFSSLHQVRYVKHVKILGPLAPEMIDSRVLE
NLKQQLEEQEYKLQKEQNLNMQLFSEIHNLQNKFRDLSPPRYDSLVQSQARELSLQRQQIKDGHGICVISRQHMNTMIKA
FEELLQASDVDYCVAEGFQEQLNQCAELLEKLEKLFLNGKSVGVEMNTQNELMERIEEDNLTYQHLLPESPEPSASHALS
DYETSEKSFFSRDQKQDNETEKTSVMVNSFSQDLLMEHIQEIRTLRKRLEESIKTNEKLRKQLERQGSEFVQGSTSIFAS
GSELHSSLTSEIHFLRKQNQALNAMLIKGSRDKQKENDKLRESLSRKTVSLEHLQREYASVKEENERLQKEGSEKERHNQ
QLIQEVRCSGQELSRVQEELKLRQQLLSQNDKLLQSLRVELKAYEKLDEEHRRLREASGEGWKGQDPFRDLHSLLMEIQA
LRLQLERSIETSSTLQSRLKEQLARGAEKAQEGALTLAVQAVSIPEVPLQPDKHDGDKYPMESDNSFDLFDSSQAVTPKS
VSETPPLSGNDTDSLSCDSGSSATSTPCVSRLVTGHHLWASKNGRHVLGLIEDYEALLKQISQGQRLLAEMDIQTQEAPS
STSQELGTKGPHPAPLSKFVSSVSTAKLTLEEAYRRLKLLWRVSLPEDGQCPLHCEQIGEMKAEVTKLHKKLFEQEKKLQ
NTMKLLQLSKRQEKVIFDQLVVTHKILRKARGNLELRPGGAHPGTCSPSRPGS
;
G,H
#
# COMPACT_ATOMS: atom_id res chain seq x y z
N THR A 35 10.40 -3.74 -13.51
CA THR A 35 9.49 -2.59 -13.52
C THR A 35 8.71 -2.51 -14.83
N GLU A 36 9.32 -1.90 -15.83
CA GLU A 36 8.78 -1.70 -17.18
C GLU A 36 7.77 -0.55 -17.22
N GLU A 37 7.48 0.10 -16.10
CA GLU A 37 6.58 1.26 -16.09
C GLU A 37 7.41 2.53 -16.31
N MET A 38 8.00 2.60 -17.50
CA MET A 38 8.88 3.72 -17.82
C MET A 38 8.12 5.04 -17.81
N GLU A 39 6.91 5.05 -18.38
CA GLU A 39 6.14 6.29 -18.43
C GLU A 39 5.88 6.83 -17.03
N LEU A 40 5.45 5.96 -16.11
CA LEU A 40 5.22 6.39 -14.74
C LEU A 40 6.54 6.59 -14.00
N TYR A 41 7.44 5.61 -14.07
CA TYR A 41 8.70 5.70 -13.34
C TYR A 41 9.50 6.92 -13.78
N GLU A 42 9.60 7.16 -15.09
CA GLU A 42 10.37 8.28 -15.58
C GLU A 42 9.79 9.61 -15.08
N LEU A 43 8.47 9.78 -15.16
CA LEU A 43 7.85 11.01 -14.71
C LEU A 43 8.05 11.23 -13.21
N ALA A 44 7.94 10.15 -12.43
CA ALA A 44 8.11 10.28 -10.98
C ALA A 44 9.54 10.66 -10.63
N GLN A 45 10.53 10.06 -11.31
CA GLN A 45 11.92 10.32 -10.97
C GLN A 45 12.30 11.77 -11.19
N ALA A 46 11.82 12.38 -12.29
CA ALA A 46 12.24 13.73 -12.63
C ALA A 46 11.80 14.74 -11.56
N ALA A 47 10.51 14.77 -11.25
CA ALA A 47 9.99 15.74 -10.30
C ALA A 47 10.45 15.44 -8.88
N GLY A 48 10.35 14.17 -8.47
CA GLY A 48 10.74 13.81 -7.12
C GLY A 48 12.21 14.06 -6.84
N GLY A 49 13.06 13.85 -7.84
CA GLY A 49 14.48 14.00 -7.68
C GLY A 49 15.20 12.78 -7.14
N GLY A 50 14.49 11.67 -6.95
CA GLY A 50 15.10 10.44 -6.47
C GLY A 50 14.21 9.67 -5.52
N ILE A 51 14.07 8.37 -5.77
CA ILE A 51 13.29 7.47 -4.92
C ILE A 51 13.77 6.06 -5.15
N ASP A 52 13.38 5.17 -4.24
CA ASP A 52 13.78 3.77 -4.37
C ASP A 52 13.20 3.18 -5.65
N PRO A 53 14.01 2.52 -6.49
CA PRO A 53 13.44 1.93 -7.71
C PRO A 53 12.44 0.83 -7.40
N ASP A 54 12.74 -0.04 -6.43
CA ASP A 54 11.79 -1.07 -6.05
C ASP A 54 10.56 -0.45 -5.39
N VAL A 55 10.76 0.57 -4.55
CA VAL A 55 9.65 1.19 -3.84
C VAL A 55 8.63 1.76 -4.82
N PHE A 56 9.11 2.48 -5.84
CA PHE A 56 8.20 3.01 -6.85
C PHE A 56 7.46 1.90 -7.58
N LYS A 57 8.14 0.77 -7.82
CA LYS A 57 7.48 -0.36 -8.44
C LYS A 57 6.35 -0.89 -7.58
N ILE A 58 6.53 -0.85 -6.25
CA ILE A 58 5.48 -1.30 -5.35
C ILE A 58 4.44 -0.20 -5.13
N LEU A 59 4.91 1.01 -4.81
CA LEU A 59 3.98 2.12 -4.56
C LEU A 59 3.00 2.29 -5.70
N VAL A 60 3.48 2.24 -6.95
CA VAL A 60 2.59 2.36 -8.10
C VAL A 60 1.61 1.19 -8.13
N ASP A 61 2.03 0.02 -7.64
CA ASP A 61 1.18 -1.16 -7.70
C ASP A 61 -0.12 -0.96 -6.93
N LEU A 62 -0.04 -0.37 -5.74
CA LEU A 62 -1.25 -0.20 -4.92
C LEU A 62 -2.24 0.72 -5.61
N LEU A 63 -1.77 1.82 -6.20
CA LEU A 63 -2.66 2.74 -6.89
C LEU A 63 -3.36 2.05 -8.06
N LYS A 64 -2.67 1.13 -8.73
CA LYS A 64 -3.30 0.41 -9.84
C LYS A 64 -4.49 -0.41 -9.36
N LEU A 65 -4.52 -0.77 -8.09
CA LEU A 65 -5.62 -1.55 -7.52
C LEU A 65 -6.79 -0.68 -7.11
N ASN A 66 -6.78 0.60 -7.46
CA ASN A 66 -7.87 1.53 -7.16
C ASN A 66 -7.88 1.99 -5.70
N VAL A 67 -6.75 1.86 -5.01
CA VAL A 67 -6.68 2.35 -3.64
C VAL A 67 -6.74 3.88 -3.64
N ALA A 68 -7.33 4.43 -2.58
CA ALA A 68 -7.48 5.87 -2.51
C ALA A 68 -6.12 6.55 -2.58
N PRO A 69 -6.00 7.64 -3.35
CA PRO A 69 -4.70 8.32 -3.42
C PRO A 69 -4.27 8.94 -2.11
N LEU A 70 -5.19 9.59 -1.39
CA LEU A 70 -4.82 10.21 -0.12
C LEU A 70 -4.44 9.15 0.91
N ALA A 71 -5.16 8.03 0.95
CA ALA A 71 -4.88 6.99 1.93
C ALA A 71 -3.48 6.44 1.76
N VAL A 72 -3.05 6.19 0.51
CA VAL A 72 -1.70 5.70 0.27
C VAL A 72 -0.67 6.72 0.75
N PHE A 73 -0.95 8.01 0.57
CA PHE A 73 -0.03 9.03 1.05
C PHE A 73 0.14 8.96 2.55
N GLN A 74 -0.95 8.69 3.28
CA GLN A 74 -0.84 8.55 4.73
C GLN A 74 -0.01 7.32 5.10
N MET A 75 -0.23 6.21 4.41
CA MET A 75 0.52 4.99 4.72
C MET A 75 2.02 5.22 4.56
N LEU A 76 2.43 5.83 3.45
CA LEU A 76 3.83 6.22 3.30
C LEU A 76 4.22 7.32 4.27
N LYS A 77 3.24 8.00 4.86
CA LYS A 77 3.49 9.01 5.89
C LYS A 77 3.43 8.42 7.30
N SER A 78 3.11 7.14 7.43
CA SER A 78 3.06 6.47 8.72
C SER A 78 4.29 5.61 8.99
N MET A 79 4.79 4.90 7.97
CA MET A 79 5.95 4.05 8.16
C MET A 79 7.23 4.84 8.45
N CYS A 80 7.21 6.16 8.27
CA CYS A 80 8.38 6.98 8.54
C CYS A 80 8.18 7.84 9.79
N ARG B 5 -6.62 -10.05 -2.98
CA ARG B 5 -5.79 -10.22 -1.80
C ARG B 5 -4.39 -9.66 -2.04
N ILE B 6 -4.16 -9.11 -3.23
CA ILE B 6 -2.84 -8.59 -3.57
C ILE B 6 -2.47 -7.44 -2.65
N HIS B 7 -3.46 -6.62 -2.26
CA HIS B 7 -3.17 -5.47 -1.42
C HIS B 7 -2.46 -5.87 -0.14
N HIS B 8 -2.88 -6.97 0.48
CA HIS B 8 -2.21 -7.45 1.68
C HIS B 8 -0.76 -7.82 1.39
N ASP B 9 -0.51 -8.46 0.24
CA ASP B 9 0.85 -8.82 -0.11
C ASP B 9 1.73 -7.58 -0.28
N VAL B 10 1.17 -6.51 -0.86
CA VAL B 10 1.96 -5.31 -1.08
C VAL B 10 2.40 -4.70 0.25
N ASN B 11 1.51 -4.67 1.23
CA ASN B 11 1.84 -4.05 2.51
C ASN B 11 3.02 -4.73 3.18
N GLU B 12 3.00 -6.06 3.23
CA GLU B 12 4.14 -6.78 3.80
C GLU B 12 5.41 -6.55 2.99
N LEU B 13 5.29 -6.58 1.66
CA LEU B 13 6.45 -6.36 0.80
C LEU B 13 7.00 -4.95 1.00
N LEU B 14 6.12 -3.95 1.09
CA LEU B 14 6.58 -2.59 1.36
C LEU B 14 7.29 -2.52 2.70
N SER B 15 6.79 -3.24 3.70
CA SER B 15 7.43 -3.24 5.01
C SER B 15 8.87 -3.71 4.93
N LEU B 16 9.16 -4.67 4.04
CA LEU B 16 10.52 -5.20 3.95
C LEU B 16 11.51 -4.11 3.55
N LEU B 17 11.23 -3.41 2.44
CA LEU B 17 12.09 -2.29 2.07
C LEU B 17 11.92 -1.12 3.02
N ARG B 18 10.70 -0.94 3.53
CA ARG B 18 10.40 0.04 4.57
C ARG B 18 10.80 -0.44 5.95
N VAL B 19 11.55 -1.54 6.04
CA VAL B 19 11.68 -2.35 7.26
C VAL B 19 11.87 -1.51 8.51
N HIS B 20 12.21 -0.24 8.35
CA HIS B 20 12.27 0.70 9.46
C HIS B 20 10.97 0.80 10.26
N ALA B 25 -0.26 -1.47 16.00
CA ALA B 25 1.02 -1.61 15.33
C ALA B 25 1.07 -0.78 14.04
N GLU B 26 1.99 -1.12 13.16
CA GLU B 26 2.10 -0.45 11.86
C GLU B 26 2.00 -1.42 10.69
N VAL B 27 1.94 -2.72 10.95
CA VAL B 27 1.79 -3.71 9.88
C VAL B 27 0.32 -4.03 9.68
N TYR B 28 -0.32 -4.57 10.72
CA TYR B 28 -1.72 -4.95 10.60
C TYR B 28 -2.62 -3.72 10.52
N ILE B 29 -2.58 -2.88 11.55
CA ILE B 29 -3.45 -1.70 11.59
C ILE B 29 -3.27 -0.85 10.34
N ASP B 30 -2.07 -0.85 9.75
CA ASP B 30 -1.86 -0.11 8.52
C ASP B 30 -2.58 -0.73 7.34
N LEU B 31 -2.94 -2.02 7.44
CA LEU B 31 -3.70 -2.65 6.38
C LEU B 31 -5.19 -2.30 6.45
N LEU B 32 -5.72 -2.10 7.65
CA LEU B 32 -7.12 -1.75 7.83
C LEU B 32 -7.37 -0.25 7.71
N GLN B 33 -6.38 0.52 7.26
CA GLN B 33 -6.57 1.94 6.99
C GLN B 33 -6.80 2.23 5.51
N LYS B 34 -6.59 1.26 4.64
CA LYS B 34 -6.82 1.41 3.21
C LYS B 34 -8.20 0.88 2.88
N ASN B 35 -9.12 1.78 2.53
CA ASN B 35 -10.50 1.42 2.22
C ASN B 35 -10.97 2.24 1.05
N ARG B 36 -11.59 1.59 0.07
CA ARG B 36 -12.06 2.25 -1.14
C ARG B 36 -12.90 1.26 -1.94
N THR B 37 -13.68 1.80 -2.88
CA THR B 37 -14.59 0.98 -3.68
C THR B 37 -13.83 -0.10 -4.41
N PRO B 38 -14.51 -1.17 -4.87
CA PRO B 38 -13.81 -2.28 -5.51
C PRO B 38 -13.31 -1.97 -6.92
N TYR B 39 -14.15 -1.32 -7.73
CA TYR B 39 -13.88 -1.15 -9.15
C TYR B 39 -13.95 0.30 -9.61
N VAL B 40 -14.22 1.25 -8.72
CA VAL B 40 -14.41 2.65 -9.12
C VAL B 40 -13.05 3.34 -9.23
N THR B 41 -13.03 4.49 -9.91
CA THR B 41 -11.83 5.31 -10.04
C THR B 41 -12.16 6.71 -9.56
N THR B 42 -11.30 7.26 -8.70
CA THR B 42 -11.56 8.52 -8.00
C THR B 42 -10.61 9.58 -8.54
N THR B 43 -11.07 10.32 -9.55
CA THR B 43 -10.28 11.43 -10.08
C THR B 43 -10.01 12.45 -8.98
N VAL B 44 -8.84 13.08 -9.06
CA VAL B 44 -8.42 14.06 -8.08
C VAL B 44 -8.12 15.38 -8.79
N SER B 45 -8.28 16.47 -8.07
CA SER B 45 -8.09 17.79 -8.65
C SER B 45 -6.66 17.96 -9.13
N ALA B 46 -6.50 18.60 -10.29
CA ALA B 46 -5.19 18.85 -10.87
C ALA B 46 -4.58 20.17 -10.40
N HIS B 47 -5.29 20.93 -9.57
CA HIS B 47 -4.74 22.20 -9.08
C HIS B 47 -3.50 21.96 -8.22
N SER B 48 -3.50 20.88 -7.43
CA SER B 48 -2.34 20.58 -6.61
C SER B 48 -1.11 20.29 -7.46
N ALA B 49 -1.31 19.69 -8.63
CA ALA B 49 -0.18 19.36 -9.50
C ALA B 49 0.64 20.60 -9.82
N LYS B 50 -0.02 21.74 -10.02
CA LYS B 50 0.70 22.97 -10.29
C LYS B 50 1.60 23.36 -9.12
N VAL B 51 1.11 23.21 -7.89
CA VAL B 51 1.90 23.58 -6.72
C VAL B 51 3.13 22.71 -6.61
N LYS B 52 2.99 21.41 -6.88
CA LYS B 52 4.12 20.50 -6.76
C LYS B 52 5.25 20.90 -7.68
N ILE B 53 4.94 21.37 -8.89
CA ILE B 53 5.98 21.76 -9.83
C ILE B 53 6.84 22.87 -9.26
N ALA B 54 6.21 23.88 -8.64
CA ALA B 54 6.97 24.97 -8.05
C ALA B 54 7.78 24.50 -6.85
N GLU B 55 7.25 23.53 -6.10
CA GLU B 55 7.92 23.09 -4.89
C GLU B 55 9.31 22.53 -5.18
N PHE B 56 9.45 21.78 -6.28
CA PHE B 56 10.71 21.17 -6.66
C PHE B 56 11.42 22.07 -7.66
N SER B 57 12.59 22.56 -7.28
CA SER B 57 13.39 23.42 -8.14
C SER B 57 14.49 22.66 -8.88
N ARG B 58 14.47 21.32 -8.80
CA ARG B 58 15.49 20.54 -9.49
C ARG B 58 15.48 20.79 -10.98
N THR B 59 14.28 20.79 -11.59
CA THR B 59 14.13 21.02 -13.02
C THR B 59 13.11 22.12 -13.23
N PRO B 60 13.50 23.28 -13.76
CA PRO B 60 12.48 24.31 -14.05
C PRO B 60 11.52 23.90 -15.14
N GLU B 61 12.02 23.27 -16.20
CA GLU B 61 11.18 22.81 -17.30
C GLU B 61 11.21 21.31 -17.52
N ASP B 62 12.24 20.61 -17.03
CA ASP B 62 12.29 19.16 -17.23
C ASP B 62 11.13 18.46 -16.55
N PHE B 63 10.80 18.86 -15.32
CA PHE B 63 9.66 18.29 -14.62
C PHE B 63 8.33 18.72 -15.21
N LEU B 64 8.33 19.65 -16.17
CA LEU B 64 7.12 20.12 -16.81
C LEU B 64 6.99 19.67 -18.26
N LYS B 65 8.09 19.71 -19.03
CA LYS B 65 8.03 19.29 -20.42
C LYS B 65 7.69 17.80 -20.53
N LYS B 66 8.36 16.96 -19.74
CA LYS B 66 8.11 15.53 -19.81
C LYS B 66 6.70 15.19 -19.33
N TYR B 67 6.23 15.87 -18.29
CA TYR B 67 4.90 15.56 -17.74
C TYR B 67 3.82 15.79 -18.78
N ASP B 68 3.86 16.92 -19.48
CA ASP B 68 2.87 17.20 -20.51
C ASP B 68 2.80 16.07 -21.54
N GLU B 69 3.96 15.54 -21.93
CA GLU B 69 3.98 14.45 -22.91
C GLU B 69 3.29 13.21 -22.36
N LEU B 70 3.60 12.84 -21.11
CA LEU B 70 2.96 11.68 -20.50
C LEU B 70 1.45 11.86 -20.45
N LYS B 71 0.99 13.08 -20.20
CA LYS B 71 -0.45 13.36 -20.21
C LYS B 71 -1.04 13.08 -21.59
N SER B 72 -0.28 13.35 -22.65
CA SER B 72 -0.73 13.05 -24.01
C SER B 72 -1.22 11.61 -24.10
N LYS B 73 -0.32 10.66 -23.84
CA LYS B 73 -0.73 9.26 -23.78
C LYS B 73 -1.64 9.03 -22.58
N ASN B 74 -2.64 8.18 -22.77
CA ASN B 74 -3.57 7.87 -21.69
C ASN B 74 -2.96 6.84 -20.75
N THR B 75 -2.88 7.19 -19.47
CA THR B 75 -2.35 6.32 -18.44
C THR B 75 -3.41 6.12 -17.37
N ARG B 76 -3.64 4.86 -16.98
CA ARG B 76 -4.71 4.56 -16.03
C ARG B 76 -4.46 5.22 -14.69
N ASN B 77 -3.22 5.18 -14.20
CA ASN B 77 -2.87 5.70 -12.89
C ASN B 77 -2.25 7.09 -12.95
N LEU B 78 -2.36 7.78 -14.08
CA LEU B 78 -1.69 9.06 -14.25
C LEU B 78 -2.17 10.09 -13.21
N ASP B 79 -3.47 10.18 -13.01
CA ASP B 79 -4.00 11.21 -12.11
C ASP B 79 -3.58 11.01 -10.66
N PRO B 80 -3.68 9.81 -10.08
CA PRO B 80 -3.31 9.68 -8.66
C PRO B 80 -1.82 9.86 -8.42
N LEU B 81 -0.96 9.34 -9.30
CA LEU B 81 0.48 9.43 -9.08
C LEU B 81 0.92 10.88 -8.95
N VAL B 82 0.34 11.77 -9.75
CA VAL B 82 0.67 13.20 -9.63
C VAL B 82 0.25 13.72 -8.26
N TYR B 83 -0.91 13.27 -7.76
CA TYR B 83 -1.39 13.75 -6.46
C TYR B 83 -0.46 13.30 -5.34
N LEU B 84 0.02 12.06 -5.39
CA LEU B 84 0.88 11.56 -4.33
C LEU B 84 2.16 12.38 -4.21
N LEU B 85 2.76 12.75 -5.35
CA LEU B 85 3.99 13.54 -5.32
C LEU B 85 3.75 14.88 -4.64
N SER B 86 2.63 15.53 -4.93
CA SER B 86 2.34 16.82 -4.30
C SER B 86 2.12 16.66 -2.81
N LYS B 87 1.50 15.56 -2.40
CA LYS B 87 1.19 15.32 -0.99
C LYS B 87 2.39 14.90 -0.18
N LEU B 88 3.58 14.82 -0.78
CA LEU B 88 4.80 14.46 -0.06
C LEU B 88 5.34 15.69 0.68
N THR B 89 4.63 16.04 1.76
CA THR B 89 5.07 17.15 2.60
C THR B 89 6.38 16.82 3.30
N GLU B 90 6.54 15.58 3.74
CA GLU B 90 7.78 15.18 4.39
C GLU B 90 8.96 15.39 3.47
N ASP B 91 10.05 15.90 4.01
CA ASP B 91 11.23 16.25 3.24
C ASP B 91 12.34 15.24 3.51
N LYS B 92 12.84 14.63 2.44
CA LYS B 92 13.97 13.69 2.47
C LYS B 92 13.61 12.35 3.11
N GLU B 93 12.34 12.13 3.44
CA GLU B 93 11.96 10.87 4.07
C GLU B 93 12.15 9.70 3.12
N THR B 94 11.59 9.79 1.91
CA THR B 94 11.75 8.71 0.93
C THR B 94 13.15 8.69 0.36
N LEU B 95 13.72 9.86 0.06
CA LEU B 95 15.05 9.91 -0.55
C LEU B 95 16.09 9.26 0.34
N GLN B 96 15.98 9.45 1.66
CA GLN B 96 16.95 8.86 2.57
C GLN B 96 16.96 7.34 2.46
N TYR B 97 15.79 6.73 2.35
CA TYR B 97 15.72 5.27 2.24
C TYR B 97 16.32 4.79 0.92
N LEU B 98 16.06 5.50 -0.17
CA LEU B 98 16.50 5.05 -1.49
C LEU B 98 18.00 4.86 -1.54
N GLN B 99 18.75 5.84 -1.03
CA GLN B 99 20.21 5.76 -1.06
C GLN B 99 20.71 4.44 -0.47
N GLN B 100 20.07 4.00 0.61
CA GLN B 100 20.50 2.75 1.25
C GLN B 100 20.36 1.57 0.30
N ASN B 101 19.29 1.54 -0.49
CA ASN B 101 19.07 0.43 -1.40
C ASN B 101 20.17 0.32 -2.44
N ALA B 102 20.62 1.46 -2.97
CA ALA B 102 21.65 1.43 -4.01
C ALA B 102 22.96 0.86 -3.49
N LYS B 103 23.37 1.26 -2.29
CA LYS B 103 24.62 0.80 -1.71
C LYS B 103 24.57 -0.70 -1.44
N ARG C 56 -12.99 6.61 22.79
CA ARG C 56 -12.20 6.54 24.01
C ARG C 56 -12.70 5.42 24.92
N ALA C 57 -13.96 5.03 24.73
CA ALA C 57 -14.58 3.95 25.50
C ALA C 57 -15.23 2.97 24.54
N ARG C 58 -14.83 1.71 24.62
CA ARG C 58 -15.39 0.70 23.75
C ARG C 58 -16.84 0.40 24.11
N ASN C 59 -17.65 0.10 23.09
CA ASN C 59 -19.08 -0.11 23.32
C ASN C 59 -19.33 -1.22 24.32
N MET C 60 -18.53 -2.28 24.27
CA MET C 60 -18.73 -3.49 25.07
C MET C 60 -19.98 -4.25 24.64
N LYS C 61 -20.57 -3.90 23.50
CA LYS C 61 -21.62 -4.68 22.87
C LYS C 61 -21.28 -5.06 21.44
N ASP C 62 -20.86 -4.11 20.57
CA ASP C 62 -20.46 -4.37 19.17
C ASP C 62 -19.09 -5.06 19.17
N PHE C 63 -18.29 -4.85 20.22
CA PHE C 63 -16.95 -5.47 20.41
C PHE C 63 -17.13 -6.99 20.55
N GLU C 64 -18.13 -7.41 21.33
CA GLU C 64 -18.46 -8.85 21.56
C GLU C 64 -18.90 -9.47 20.23
N ASN C 65 -19.74 -8.75 19.49
CA ASN C 65 -20.27 -9.17 18.16
C ASN C 65 -19.10 -9.26 17.17
N GLN C 66 -18.18 -8.29 17.25
CA GLN C 66 -16.99 -8.19 16.36
C GLN C 66 -16.06 -9.37 16.64
N ILE C 67 -15.88 -9.73 17.92
CA ILE C 67 -14.99 -10.85 18.35
C ILE C 67 -15.52 -12.17 17.78
N THR C 68 -16.83 -12.42 17.88
CA THR C 68 -17.49 -13.64 17.36
C THR C 68 -17.43 -13.65 15.83
N GLU C 69 -17.65 -12.49 15.21
CA GLU C 69 -17.62 -12.30 13.74
C GLU C 69 -16.20 -12.55 13.20
N LEU C 70 -15.18 -12.10 13.94
CA LEU C 70 -13.75 -12.22 13.56
C LEU C 70 -13.22 -13.62 13.89
N LYS C 71 -13.80 -14.30 14.88
CA LYS C 71 -13.34 -15.64 15.24
C LYS C 71 -13.95 -16.70 14.33
N LYS C 72 -15.27 -16.67 14.16
CA LYS C 72 -15.93 -17.61 13.27
C LYS C 72 -15.47 -17.45 11.84
N GLU C 73 -14.84 -16.32 11.51
CA GLU C 73 -14.31 -16.09 10.16
C GLU C 73 -12.86 -16.56 10.02
N ASN C 74 -12.03 -16.30 11.03
CA ASN C 74 -10.65 -16.73 10.99
C ASN C 74 -10.55 -18.24 10.77
N PHE C 75 -11.10 -19.01 11.71
CA PHE C 75 -11.19 -20.47 11.56
C PHE C 75 -11.60 -20.84 10.14
N ASN C 76 -12.66 -20.19 9.64
CA ASN C 76 -13.11 -20.45 8.28
C ASN C 76 -12.00 -20.27 7.26
N LEU C 77 -10.95 -19.52 7.61
CA LEU C 77 -9.84 -19.30 6.70
C LEU C 77 -8.78 -20.39 6.80
N LYS C 78 -8.52 -20.90 8.00
CA LYS C 78 -7.54 -21.95 8.16
C LYS C 78 -7.95 -23.20 7.39
N LEU C 79 -9.23 -23.55 7.45
CA LEU C 79 -9.71 -24.75 6.78
C LEU C 79 -9.42 -24.72 5.29
N ARG C 80 -9.41 -23.53 4.70
CA ARG C 80 -9.09 -23.41 3.28
C ARG C 80 -7.59 -23.50 3.00
N ILE C 81 -6.76 -23.50 4.03
CA ILE C 81 -5.31 -23.58 3.87
C ILE C 81 -4.81 -25.00 4.07
N TYR C 82 -5.25 -25.65 5.15
CA TYR C 82 -4.86 -27.04 5.38
C TYR C 82 -5.22 -27.91 4.20
N PHE C 83 -6.39 -27.70 3.60
CA PHE C 83 -6.78 -28.47 2.41
C PHE C 83 -5.93 -28.08 1.21
N LEU C 84 -6.00 -26.81 0.81
CA LEU C 84 -5.22 -26.35 -0.33
C LEU C 84 -3.75 -26.72 -0.20
N GLU C 85 -3.23 -26.75 1.03
CA GLU C 85 -1.86 -27.18 1.26
C GLU C 85 -1.73 -28.70 1.10
N GLU C 86 -2.68 -29.45 1.66
CA GLU C 86 -2.65 -30.90 1.54
C GLU C 86 -2.62 -31.33 0.08
N ARG C 87 -3.45 -30.69 -0.76
CA ARG C 87 -3.42 -30.98 -2.19
C ARG C 87 -2.02 -30.85 -2.75
N MET C 88 -1.30 -29.78 -2.35
CA MET C 88 0.07 -29.60 -2.80
C MET C 88 0.93 -30.82 -2.49
N GLN C 89 0.82 -31.32 -1.26
CA GLN C 89 1.57 -32.51 -0.88
C GLN C 89 1.00 -33.77 -1.54
N GLN C 90 -0.21 -33.73 -2.05
CA GLN C 90 -0.82 -34.88 -2.69
C GLN C 90 -0.73 -34.80 -4.20
N ARG D 58 -8.47 -8.39 34.25
CA ARG D 58 -8.98 -7.40 33.30
C ARG D 58 -8.49 -6.00 33.67
N ASN D 59 -7.51 -5.51 32.91
CA ASN D 59 -6.90 -4.22 33.18
C ASN D 59 -7.50 -3.08 32.38
N MET D 60 -8.22 -3.38 31.30
CA MET D 60 -8.78 -2.44 30.34
C MET D 60 -7.71 -1.89 29.40
N LYS D 61 -6.44 -2.17 29.63
CA LYS D 61 -5.39 -1.83 28.67
C LYS D 61 -5.03 -3.00 27.77
N ASP D 62 -5.19 -4.23 28.25
CA ASP D 62 -5.11 -5.40 27.39
C ASP D 62 -6.44 -5.70 26.70
N PHE D 63 -7.55 -5.23 27.28
CA PHE D 63 -8.85 -5.44 26.67
C PHE D 63 -8.83 -5.08 25.19
N GLU D 64 -8.19 -3.98 24.84
CA GLU D 64 -8.01 -3.63 23.44
C GLU D 64 -6.82 -4.36 22.83
N ASN D 65 -5.75 -4.52 23.60
CA ASN D 65 -4.57 -5.23 23.11
C ASN D 65 -4.93 -6.61 22.58
N GLN D 66 -5.96 -7.23 23.14
CA GLN D 66 -6.38 -8.55 22.67
C GLN D 66 -6.85 -8.49 21.22
N ILE D 67 -7.51 -7.40 20.84
CA ILE D 67 -8.00 -7.19 19.46
C ILE D 67 -6.80 -7.35 18.52
N THR D 68 -5.71 -6.61 18.75
CA THR D 68 -4.55 -6.64 17.87
C THR D 68 -4.00 -8.05 17.74
N GLU D 69 -4.14 -8.87 18.78
CA GLU D 69 -3.69 -10.26 18.70
C GLU D 69 -4.52 -11.03 17.69
N LEU D 70 -5.85 -10.90 17.76
CA LEU D 70 -6.70 -11.55 16.77
C LEU D 70 -6.43 -11.02 15.37
N LYS D 71 -6.37 -9.70 15.23
CA LYS D 71 -6.10 -9.09 13.93
C LYS D 71 -4.84 -9.69 13.30
N LYS D 72 -3.72 -9.59 14.01
CA LYS D 72 -2.49 -10.19 13.51
C LYS D 72 -2.68 -11.67 13.17
N GLU D 73 -3.56 -12.36 13.90
CA GLU D 73 -3.90 -13.73 13.57
C GLU D 73 -4.73 -13.83 12.29
N ASN D 74 -5.33 -12.71 11.85
CA ASN D 74 -6.12 -12.69 10.63
C ASN D 74 -5.35 -12.11 9.44
N PHE D 75 -4.18 -11.52 9.67
CA PHE D 75 -3.37 -10.95 8.59
C PHE D 75 -2.23 -11.89 8.20
N ASN D 76 -1.38 -12.26 9.15
CA ASN D 76 -0.30 -13.21 8.88
C ASN D 76 -0.85 -14.46 8.20
N LEU D 77 -2.03 -14.91 8.64
CA LEU D 77 -2.64 -16.09 8.03
C LEU D 77 -3.20 -15.80 6.65
N LYS D 78 -3.44 -14.53 6.33
CA LYS D 78 -3.90 -14.14 5.00
C LYS D 78 -2.75 -13.94 4.03
N LEU D 79 -1.52 -13.84 4.52
CA LEU D 79 -0.37 -13.62 3.65
C LEU D 79 0.22 -14.93 3.16
N ARG D 80 0.37 -15.91 4.04
CA ARG D 80 0.93 -17.21 3.65
C ARG D 80 0.06 -17.93 2.64
N ILE D 81 -1.16 -17.46 2.39
CA ILE D 81 -2.03 -18.09 1.41
C ILE D 81 -1.80 -17.50 0.01
N TYR D 82 -1.54 -16.19 -0.05
CA TYR D 82 -1.23 -15.57 -1.32
C TYR D 82 -0.03 -16.23 -2.00
N PHE D 83 0.88 -16.79 -1.22
CA PHE D 83 1.99 -17.54 -1.79
C PHE D 83 1.56 -18.95 -2.16
N LEU D 84 0.77 -19.61 -1.30
CA LEU D 84 0.30 -20.95 -1.60
C LEU D 84 -0.53 -20.98 -2.88
N GLU D 85 -1.05 -19.84 -3.32
CA GLU D 85 -1.76 -19.78 -4.59
C GLU D 85 -0.81 -19.66 -5.77
N GLU D 86 0.35 -19.05 -5.58
CA GLU D 86 1.31 -18.89 -6.67
C GLU D 86 1.85 -20.23 -7.12
N ARG D 87 2.40 -21.01 -6.18
CA ARG D 87 2.92 -22.33 -6.52
C ARG D 87 1.89 -23.18 -7.25
N MET D 88 0.61 -23.02 -6.90
CA MET D 88 -0.44 -23.72 -7.63
C MET D 88 -0.60 -23.21 -9.06
N GLN D 89 -0.06 -22.03 -9.35
CA GLN D 89 -0.05 -21.52 -10.72
C GLN D 89 1.23 -21.87 -11.46
N GLN D 90 2.33 -22.09 -10.74
CA GLN D 90 3.59 -22.46 -11.38
C GLN D 90 3.66 -23.95 -11.67
N GLU D 91 3.31 -24.78 -10.67
CA GLU D 91 3.34 -26.23 -10.86
C GLU D 91 2.57 -26.65 -12.10
N PHE D 92 1.30 -26.27 -12.18
CA PHE D 92 0.47 -26.61 -13.33
C PHE D 92 1.03 -25.96 -14.60
#